data_1L1T
#
_entry.id   1L1T
#
_cell.length_a   44.979
_cell.length_b   95.316
_cell.length_c   103.943
_cell.angle_alpha   90.00
_cell.angle_beta   90.00
_cell.angle_gamma   90.00
#
_symmetry.space_group_name_H-M   'P 21 21 21'
#
loop_
_entity.id
_entity.type
_entity.pdbx_description
1 polymer "5'-D(*AP*G*GP*TP*AP*GP*AP*CP*CP*TP*GP*GP*AP*CP*GP*C)-3'"
2 polymer "5'-D(*TP*GP*C*GP*TP*CP*CP*AP*(HPD)P*GP*TP*CP*TP*AP*CP*C)-3'"
3 polymer MutM
4 non-polymer 'ZINC ION'
5 water water
#
loop_
_entity_poly.entity_id
_entity_poly.type
_entity_poly.pdbx_seq_one_letter_code
_entity_poly.pdbx_strand_id
1 'polydeoxyribonucleotide' (DA)(DG)(DG)(DT)(DA)(DG)(DA)(DC)(DC)(DT)(DG)(DG)(DA)(DC)(DG)(DC) B
2 'polydeoxyribonucleotide' (DT)(DG)(DC)(DG)(DT)(DC)(DC)(DA)(HPD)(DG)(DT)(DC)(DT)(DA)(DC)(DC) C
3 'polypeptide(L)'
;MPELPEVETIRRTLLPLIVGKTIEDVRIFWPNIIRHPRDSEAFAARMIGQTVRGLERRGKFLKFLLDRDALISHLRMEGR
YAVASALEPLEPHTHVVFCFTDGSELRYRDVRKFGTMHVYAKEEADRRPPLAELGPEPLSPAFSPAVLAERAVKTKRSVK
ALLLDQTVVAGFGNIYVDESLFRAGILPGRPAASLSSKEIERLHEEMVATIGEAVMKGGSTVRTYVNTQGEAGTFQHHLY
VYGRQGNPCKRCGTPIEKTVVAGRGTHYCPRCQR
;
A
#
loop_
_chem_comp.id
_chem_comp.type
_chem_comp.name
_chem_comp.formula
DA DNA linking 2'-DEOXYADENOSINE-5'-MONOPHOSPHATE 'C10 H14 N5 O6 P'
DC DNA linking 2'-DEOXYCYTIDINE-5'-MONOPHOSPHATE 'C9 H14 N3 O7 P'
DG DNA linking 2'-DEOXYGUANOSINE-5'-MONOPHOSPHATE 'C10 H14 N5 O7 P'
DT DNA linking THYMIDINE-5'-MONOPHOSPHATE 'C10 H15 N2 O8 P'
HPD non-polymer 1-HYDROXY-PENTANE-3,4-DIOL-5-PHOSPHATE 'C5 H13 O7 P'
ZN non-polymer 'ZINC ION' 'Zn 2'
#
# COMPACT_ATOMS: atom_id res chain seq x y z
P HPD B 9 -5.66 -8.86 7.03
O5' HPD B 9 -4.83 -7.79 6.19
O1P HPD B 9 -4.96 -9.11 8.32
O2P HPD B 9 -7.07 -8.40 7.04
C5' HPD B 9 -3.44 -7.95 5.96
O4' HPD B 9 -1.42 -6.78 5.35
O3' HPD B 9 -3.04 -4.80 3.89
C1' HPD B 9 -3.56 -7.97 2.52
O1' HPD B 9 -2.80 -8.88 1.67
C3' HPD B 9 -3.35 -6.20 4.09
C4' HPD B 9 -2.85 -6.65 5.46
C2' HPD B 9 -2.53 -7.02 3.12
N PRO C 2 -0.58 -6.14 0.13
CA PRO C 2 0.70 -5.46 0.48
C PRO C 2 0.47 -4.04 0.98
N GLU C 3 1.31 -3.62 1.93
CA GLU C 3 1.23 -2.28 2.49
C GLU C 3 2.43 -1.49 1.95
N LEU C 4 2.66 -0.27 2.43
CA LEU C 4 3.75 0.55 1.92
C LEU C 4 5.11 -0.13 1.75
N PRO C 5 5.62 -0.82 2.78
CA PRO C 5 6.91 -1.49 2.65
C PRO C 5 7.00 -2.49 1.49
N GLU C 6 5.96 -3.29 1.32
CA GLU C 6 5.91 -4.29 0.26
C GLU C 6 5.81 -3.64 -1.12
N VAL C 7 4.99 -2.61 -1.24
CA VAL C 7 4.81 -1.92 -2.52
C VAL C 7 6.11 -1.21 -2.92
N GLU C 8 6.83 -0.66 -1.93
CA GLU C 8 8.09 0.04 -2.20
C GLU C 8 9.15 -0.97 -2.65
N THR C 9 9.07 -2.19 -2.13
CA THR C 9 10.02 -3.23 -2.51
C THR C 9 9.74 -3.64 -3.96
N ILE C 10 8.46 -3.67 -4.33
CA ILE C 10 8.06 -4.03 -5.70
C ILE C 10 8.54 -2.95 -6.66
N ARG C 11 8.34 -1.69 -6.29
CA ARG C 11 8.75 -0.55 -7.11
C ARG C 11 10.23 -0.60 -7.46
N ARG C 12 11.06 -0.84 -6.45
CA ARG C 12 12.51 -0.89 -6.62
C ARG C 12 13.02 -2.05 -7.46
N THR C 13 12.39 -3.23 -7.32
CA THR C 13 12.80 -4.41 -8.07
C THR C 13 12.25 -4.48 -9.49
N LEU C 14 11.07 -3.93 -9.71
CA LEU C 14 10.44 -3.97 -11.03
C LEU C 14 10.98 -2.94 -12.03
N LEU C 15 11.33 -1.75 -11.54
CA LEU C 15 11.81 -0.68 -12.41
C LEU C 15 12.88 -1.06 -13.45
N PRO C 16 14.01 -1.65 -13.02
CA PRO C 16 15.01 -2.00 -14.03
C PRO C 16 14.60 -3.06 -15.05
N LEU C 17 13.57 -3.83 -14.71
CA LEU C 17 13.06 -4.88 -15.58
C LEU C 17 12.14 -4.37 -16.70
N ILE C 18 11.69 -3.12 -16.60
CA ILE C 18 10.79 -2.57 -17.63
C ILE C 18 11.17 -1.21 -18.20
N VAL C 19 12.03 -0.46 -17.53
CA VAL C 19 12.42 0.86 -18.03
C VAL C 19 12.99 0.79 -19.45
N GLY C 20 12.54 1.70 -20.30
CA GLY C 20 13.04 1.74 -21.67
C GLY C 20 12.29 0.87 -22.68
N LYS C 21 11.37 0.03 -22.19
CA LYS C 21 10.60 -0.82 -23.10
C LYS C 21 9.35 -0.11 -23.65
N THR C 22 9.01 -0.40 -24.91
CA THR C 22 7.86 0.19 -25.59
C THR C 22 6.67 -0.76 -25.70
N ILE C 23 5.49 -0.29 -25.34
CA ILE C 23 4.27 -1.11 -25.39
C ILE C 23 3.75 -1.34 -26.80
N GLU C 24 3.51 -2.60 -27.14
CA GLU C 24 2.99 -2.98 -28.45
C GLU C 24 1.52 -3.43 -28.39
N ASP C 25 1.11 -4.01 -27.28
CA ASP C 25 -0.29 -4.44 -27.13
C ASP C 25 -0.65 -4.50 -25.64
N VAL C 26 -1.94 -4.41 -25.35
CA VAL C 26 -2.43 -4.52 -23.97
C VAL C 26 -3.65 -5.43 -24.04
N ARG C 27 -3.59 -6.54 -23.32
CA ARG C 27 -4.68 -7.52 -23.31
C ARG C 27 -5.33 -7.61 -21.93
N ILE C 28 -6.67 -7.57 -21.93
CA ILE C 28 -7.45 -7.58 -20.69
C ILE C 28 -8.42 -8.77 -20.59
N PHE C 29 -8.28 -9.56 -19.53
CA PHE C 29 -9.11 -10.74 -19.33
C PHE C 29 -10.18 -10.59 -18.25
N TRP C 30 -10.11 -9.51 -17.47
CA TRP C 30 -11.12 -9.20 -16.45
C TRP C 30 -11.30 -7.68 -16.42
N PRO C 31 -12.17 -7.16 -17.29
CA PRO C 31 -12.50 -5.74 -17.46
C PRO C 31 -12.79 -4.90 -16.21
N ASN C 32 -13.41 -5.49 -15.20
CA ASN C 32 -13.74 -4.76 -13.98
C ASN C 32 -12.55 -4.07 -13.31
N ILE C 33 -11.35 -4.59 -13.55
CA ILE C 33 -10.14 -4.02 -12.96
C ILE C 33 -9.85 -2.62 -13.52
N ILE C 34 -10.22 -2.41 -14.78
CA ILE C 34 -10.02 -1.13 -15.46
C ILE C 34 -11.07 -0.12 -15.00
N ARG C 35 -10.63 0.93 -14.29
CA ARG C 35 -11.55 1.94 -13.77
C ARG C 35 -11.61 3.24 -14.59
N HIS C 36 -10.53 3.59 -15.28
CA HIS C 36 -10.53 4.80 -16.11
C HIS C 36 -9.42 4.81 -17.15
N PRO C 37 -9.78 5.02 -18.42
CA PRO C 37 -11.15 5.22 -18.90
C PRO C 37 -12.00 3.97 -18.66
N ARG C 38 -13.30 4.16 -18.46
CA ARG C 38 -14.19 3.03 -18.20
C ARG C 38 -14.16 1.94 -19.26
N ASP C 39 -14.08 2.35 -20.52
CA ASP C 39 -14.05 1.42 -21.65
C ASP C 39 -12.66 0.80 -21.76
N SER C 40 -12.57 -0.51 -21.54
CA SER C 40 -11.28 -1.19 -21.60
C SER C 40 -10.61 -1.12 -22.96
N GLU C 41 -11.39 -0.94 -24.02
CA GLU C 41 -10.82 -0.83 -25.37
C GLU C 41 -10.04 0.48 -25.50
N ALA C 42 -10.55 1.54 -24.87
CA ALA C 42 -9.89 2.85 -24.91
C ALA C 42 -8.63 2.82 -24.03
N PHE C 43 -8.73 2.13 -22.90
CA PHE C 43 -7.63 1.96 -21.96
C PHE C 43 -6.44 1.30 -22.69
N ALA C 44 -6.73 0.22 -23.40
CA ALA C 44 -5.69 -0.50 -24.15
C ALA C 44 -5.09 0.32 -25.29
N ALA C 45 -5.94 0.89 -26.14
CA ALA C 45 -5.49 1.66 -27.30
C ALA C 45 -4.58 2.85 -26.99
N ARG C 46 -4.87 3.59 -25.93
CA ARG C 46 -4.09 4.79 -25.60
C ARG C 46 -2.66 4.53 -25.12
N MET C 47 -2.40 3.34 -24.61
CA MET C 47 -1.04 3.04 -24.13
C MET C 47 -0.11 2.48 -25.21
N ILE C 48 -0.69 1.92 -26.28
CA ILE C 48 0.12 1.36 -27.36
C ILE C 48 1.03 2.44 -27.95
N GLY C 49 2.32 2.12 -28.07
CA GLY C 49 3.27 3.06 -28.64
C GLY C 49 4.03 3.88 -27.61
N GLN C 50 3.60 3.85 -26.36
CA GLN C 50 4.30 4.62 -25.31
C GLN C 50 5.40 3.78 -24.67
N THR C 51 6.46 4.47 -24.21
CA THR C 51 7.60 3.83 -23.57
C THR C 51 7.63 4.09 -22.06
N VAL C 52 8.07 3.09 -21.29
CA VAL C 52 8.14 3.22 -19.83
C VAL C 52 9.37 4.06 -19.47
N ARG C 53 9.16 5.16 -18.76
CA ARG C 53 10.25 6.07 -18.40
C ARG C 53 10.59 6.03 -16.91
N GLY C 54 9.64 5.60 -16.08
CA GLY C 54 9.90 5.55 -14.65
C GLY C 54 8.82 4.82 -13.85
N LEU C 55 9.07 4.67 -12.55
CA LEU C 55 8.12 4.00 -11.66
C LEU C 55 8.25 4.56 -10.26
N GLU C 56 7.17 5.18 -9.77
CA GLU C 56 7.16 5.79 -8.45
C GLU C 56 6.06 5.14 -7.59
N ARG C 57 6.01 5.52 -6.32
CA ARG C 57 4.99 5.02 -5.39
C ARG C 57 4.40 6.19 -4.60
N ARG C 58 3.09 6.15 -4.38
CA ARG C 58 2.39 7.16 -3.59
C ARG C 58 1.44 6.35 -2.70
N GLY C 59 1.71 6.34 -1.39
CA GLY C 59 0.87 5.57 -0.50
C GLY C 59 1.04 4.10 -0.87
N LYS C 60 -0.06 3.39 -1.07
CA LYS C 60 -0.01 1.99 -1.45
C LYS C 60 -0.11 1.81 -2.97
N PHE C 61 -0.13 2.92 -3.71
CA PHE C 61 -0.23 2.86 -5.18
C PHE C 61 1.10 2.87 -5.92
N LEU C 62 1.13 2.21 -7.07
CA LEU C 62 2.31 2.21 -7.94
C LEU C 62 1.92 3.18 -9.05
N LYS C 63 2.88 3.98 -9.51
CA LYS C 63 2.62 4.95 -10.56
C LYS C 63 3.60 4.74 -11.72
N PHE C 64 3.15 4.05 -12.75
CA PHE C 64 3.98 3.80 -13.93
C PHE C 64 4.00 5.06 -14.80
N LEU C 65 5.20 5.62 -15.03
CA LEU C 65 5.32 6.83 -15.85
C LEU C 65 5.71 6.46 -17.29
N LEU C 66 4.84 6.83 -18.23
CA LEU C 66 5.07 6.53 -19.64
C LEU C 66 5.49 7.81 -20.39
N ASP C 67 5.06 7.97 -21.63
CA ASP C 67 5.44 9.17 -22.38
C ASP C 67 4.51 10.33 -22.00
N ARG C 68 3.23 10.18 -22.33
CA ARG C 68 2.25 11.20 -22.03
C ARG C 68 1.43 10.87 -20.77
N ASP C 69 1.12 9.58 -20.61
CA ASP C 69 0.30 9.12 -19.49
C ASP C 69 1.01 8.52 -18.29
N ALA C 70 0.23 8.31 -17.24
CA ALA C 70 0.68 7.69 -16.01
C ALA C 70 -0.36 6.62 -15.70
N LEU C 71 0.09 5.40 -15.38
CA LEU C 71 -0.81 4.30 -15.04
C LEU C 71 -0.76 4.14 -13.52
N ILE C 72 -1.91 4.36 -12.87
CA ILE C 72 -2.03 4.26 -11.42
C ILE C 72 -2.65 2.90 -11.04
N SER C 73 -1.85 2.07 -10.35
CA SER C 73 -2.26 0.72 -9.99
C SER C 73 -2.27 0.42 -8.48
N HIS C 74 -3.37 -0.15 -8.00
CA HIS C 74 -3.51 -0.53 -6.59
C HIS C 74 -3.67 -2.05 -6.58
N LEU C 75 -2.82 -2.73 -5.80
CA LEU C 75 -2.85 -4.18 -5.72
C LEU C 75 -3.88 -4.74 -4.75
N ARG C 76 -4.47 -3.86 -3.94
CA ARG C 76 -5.46 -4.27 -2.94
C ARG C 76 -4.95 -5.42 -2.09
N MET C 77 -5.69 -6.53 -2.04
CA MET C 77 -5.30 -7.67 -1.20
C MET C 77 -4.30 -8.69 -1.73
N GLU C 78 -4.32 -9.00 -3.02
CA GLU C 78 -3.41 -10.02 -3.54
C GLU C 78 -2.77 -9.78 -4.92
N GLY C 79 -2.84 -8.55 -5.42
CA GLY C 79 -2.26 -8.27 -6.73
C GLY C 79 -0.75 -8.41 -6.78
N ARG C 80 -0.22 -8.82 -7.93
CA ARG C 80 1.21 -9.00 -8.09
C ARG C 80 1.64 -8.81 -9.54
N TYR C 81 2.88 -8.34 -9.73
CA TYR C 81 3.43 -8.14 -11.07
C TYR C 81 4.64 -9.03 -11.31
N ALA C 82 4.87 -9.40 -12.57
CA ALA C 82 6.03 -10.22 -12.95
C ALA C 82 6.36 -9.96 -14.43
N VAL C 83 7.64 -10.07 -14.79
CA VAL C 83 8.06 -9.88 -16.18
C VAL C 83 8.53 -11.24 -16.70
N ALA C 84 8.15 -11.60 -17.92
CA ALA C 84 8.53 -12.87 -18.50
C ALA C 84 8.39 -12.89 -20.03
N SER C 85 8.75 -14.00 -20.66
CA SER C 85 8.66 -14.15 -22.11
C SER C 85 7.21 -14.30 -22.59
N ALA C 86 6.88 -13.60 -23.67
CA ALA C 86 5.52 -13.66 -24.22
C ALA C 86 5.26 -14.97 -24.97
N LEU C 87 6.31 -15.79 -25.09
CA LEU C 87 6.18 -17.08 -25.78
C LEU C 87 5.76 -18.22 -24.86
N GLU C 88 5.79 -17.97 -23.55
CA GLU C 88 5.41 -18.99 -22.57
C GLU C 88 3.96 -18.87 -22.11
N PRO C 89 3.34 -19.99 -21.69
CA PRO C 89 1.95 -19.98 -21.22
C PRO C 89 1.80 -19.12 -19.96
N LEU C 90 0.68 -18.42 -19.86
CA LEU C 90 0.42 -17.58 -18.70
C LEU C 90 0.06 -18.40 -17.46
N GLU C 91 0.35 -17.84 -16.29
CA GLU C 91 0.05 -18.49 -15.02
C GLU C 91 -1.42 -18.24 -14.69
N PRO C 92 -2.02 -19.07 -13.83
CA PRO C 92 -3.42 -18.91 -13.46
C PRO C 92 -3.71 -17.55 -12.82
N HIS C 93 -4.91 -17.04 -13.05
CA HIS C 93 -5.35 -15.76 -12.48
C HIS C 93 -4.64 -14.51 -13.03
N THR C 94 -4.17 -14.58 -14.28
CA THR C 94 -3.52 -13.44 -14.91
C THR C 94 -4.64 -12.67 -15.63
N HIS C 95 -4.90 -11.44 -15.19
CA HIS C 95 -6.00 -10.66 -15.74
C HIS C 95 -5.67 -9.50 -16.69
N VAL C 96 -4.43 -9.02 -16.67
CA VAL C 96 -4.01 -7.93 -17.56
C VAL C 96 -2.56 -8.16 -17.97
N VAL C 97 -2.26 -8.00 -19.26
CA VAL C 97 -0.90 -8.19 -19.76
C VAL C 97 -0.46 -7.07 -20.69
N PHE C 98 0.74 -6.54 -20.45
CA PHE C 98 1.29 -5.47 -21.29
C PHE C 98 2.42 -6.10 -22.11
N CYS C 99 2.24 -6.17 -23.42
CA CYS C 99 3.22 -6.77 -24.33
C CYS C 99 4.19 -5.74 -24.90
N PHE C 100 5.50 -5.97 -24.77
CA PHE C 100 6.49 -5.02 -25.28
C PHE C 100 7.05 -5.41 -26.66
N THR C 101 7.59 -4.43 -27.38
CA THR C 101 8.14 -4.67 -28.71
C THR C 101 9.36 -5.61 -28.76
N ASP C 102 9.96 -5.90 -27.61
CA ASP C 102 11.12 -6.78 -27.56
C ASP C 102 10.77 -8.25 -27.24
N GLY C 103 9.46 -8.54 -27.21
CA GLY C 103 9.04 -9.91 -26.95
C GLY C 103 8.80 -10.33 -25.51
N SER C 104 9.07 -9.43 -24.57
CA SER C 104 8.85 -9.72 -23.15
C SER C 104 7.52 -9.07 -22.78
N GLU C 105 7.02 -9.35 -21.57
CA GLU C 105 5.75 -8.77 -21.14
C GLU C 105 5.63 -8.59 -19.64
N LEU C 106 4.80 -7.63 -19.23
CA LEU C 106 4.54 -7.36 -17.82
C LEU C 106 3.17 -7.95 -17.53
N ARG C 107 3.11 -8.90 -16.60
CA ARG C 107 1.84 -9.58 -16.27
C ARG C 107 1.28 -9.20 -14.90
N TYR C 108 -0.03 -8.98 -14.82
CA TYR C 108 -0.69 -8.68 -13.55
C TYR C 108 -1.60 -9.84 -13.15
N ARG C 109 -1.33 -10.41 -11.97
CA ARG C 109 -2.12 -11.52 -11.44
C ARG C 109 -2.83 -11.05 -10.17
N ASP C 110 -4.04 -11.54 -9.95
CA ASP C 110 -4.83 -11.13 -8.78
C ASP C 110 -5.94 -12.16 -8.56
N VAL C 111 -5.68 -13.14 -7.69
CA VAL C 111 -6.64 -14.19 -7.42
C VAL C 111 -8.05 -13.71 -7.04
N ARG C 112 -8.13 -12.72 -6.16
CA ARG C 112 -9.43 -12.21 -5.72
C ARG C 112 -10.06 -11.14 -6.64
N LYS C 113 -9.28 -10.64 -7.59
CA LYS C 113 -9.76 -9.66 -8.57
C LYS C 113 -10.14 -8.30 -7.96
N PHE C 114 -9.52 -7.93 -6.84
CA PHE C 114 -9.85 -6.66 -6.19
C PHE C 114 -9.10 -5.42 -6.71
N GLY C 115 -7.92 -5.62 -7.30
CA GLY C 115 -7.11 -4.51 -7.80
C GLY C 115 -7.77 -3.53 -8.78
N THR C 116 -7.19 -2.33 -8.89
CA THR C 116 -7.71 -1.28 -9.77
C THR C 116 -6.62 -0.62 -10.63
N MET C 117 -7.03 -0.10 -11.79
CA MET C 117 -6.11 0.62 -12.71
C MET C 117 -6.77 1.87 -13.29
N HIS C 118 -6.07 3.01 -13.21
CA HIS C 118 -6.54 4.29 -13.75
C HIS C 118 -5.44 4.90 -14.63
N VAL C 119 -5.80 5.45 -15.78
CA VAL C 119 -4.81 6.09 -16.66
C VAL C 119 -5.22 7.54 -16.95
N TYR C 120 -4.33 8.47 -16.64
CA TYR C 120 -4.55 9.91 -16.86
C TYR C 120 -3.29 10.52 -17.46
N ALA C 121 -3.42 11.72 -18.04
CA ALA C 121 -2.25 12.39 -18.57
C ALA C 121 -1.44 12.68 -17.30
N LYS C 122 -0.11 12.64 -17.40
CA LYS C 122 0.75 12.88 -16.25
C LYS C 122 0.37 14.05 -15.34
N GLU C 123 0.09 15.20 -15.94
CA GLU C 123 -0.24 16.40 -15.18
C GLU C 123 -1.59 16.38 -14.46
N GLU C 124 -2.45 15.42 -14.79
CA GLU C 124 -3.77 15.33 -14.16
C GLU C 124 -3.83 14.25 -13.07
N ALA C 125 -2.89 13.32 -13.08
CA ALA C 125 -2.86 12.21 -12.12
C ALA C 125 -2.98 12.59 -10.64
N ASP C 126 -2.21 13.57 -10.20
CA ASP C 126 -2.23 13.98 -8.79
C ASP C 126 -3.44 14.82 -8.40
N ARG C 127 -4.19 15.31 -9.38
CA ARG C 127 -5.36 16.14 -9.12
C ARG C 127 -6.68 15.43 -9.31
N ARG C 128 -6.65 14.15 -9.64
CA ARG C 128 -7.86 13.37 -9.85
C ARG C 128 -7.86 12.17 -8.92
N PRO C 129 -9.03 11.52 -8.76
CA PRO C 129 -9.06 10.35 -7.88
C PRO C 129 -8.32 9.23 -8.60
N PRO C 130 -7.74 8.27 -7.85
CA PRO C 130 -7.74 8.12 -6.39
C PRO C 130 -6.59 8.80 -5.63
N LEU C 131 -5.64 9.40 -6.32
CA LEU C 131 -4.51 10.02 -5.63
C LEU C 131 -4.78 11.38 -4.97
N ALA C 132 -5.72 12.13 -5.53
CA ALA C 132 -6.06 13.47 -5.05
C ALA C 132 -6.23 13.65 -3.54
N GLU C 133 -7.02 12.78 -2.90
CA GLU C 133 -7.28 12.92 -1.48
C GLU C 133 -6.36 12.22 -0.48
N LEU C 134 -5.25 11.65 -0.95
CA LEU C 134 -4.34 10.95 -0.05
C LEU C 134 -3.60 11.85 0.93
N GLY C 135 -3.34 11.32 2.14
CA GLY C 135 -2.62 12.07 3.14
C GLY C 135 -1.15 12.10 2.81
N PRO C 136 -0.30 12.71 3.66
CA PRO C 136 1.15 12.79 3.40
C PRO C 136 1.92 11.48 3.56
N GLU C 137 3.10 11.44 2.93
CA GLU C 137 3.98 10.27 3.00
C GLU C 137 4.59 10.23 4.40
N PRO C 138 4.51 9.07 5.08
CA PRO C 138 5.06 8.94 6.44
C PRO C 138 6.55 9.17 6.59
N LEU C 139 7.32 8.88 5.56
CA LEU C 139 8.77 9.07 5.62
C LEU C 139 9.21 10.43 5.09
N SER C 140 8.31 11.41 5.13
CA SER C 140 8.64 12.76 4.66
C SER C 140 8.36 13.79 5.74
N PRO C 141 9.01 14.96 5.66
CA PRO C 141 8.81 16.03 6.65
C PRO C 141 7.35 16.43 6.75
N ALA C 142 6.58 16.13 5.71
CA ALA C 142 5.16 16.45 5.66
C ALA C 142 4.34 15.73 6.73
N PHE C 143 4.84 14.59 7.20
CA PHE C 143 4.14 13.85 8.25
C PHE C 143 4.83 14.17 9.57
N SER C 144 4.08 14.77 10.49
CA SER C 144 4.62 15.15 11.80
C SER C 144 3.57 14.98 12.88
N PRO C 145 3.98 15.09 14.15
CA PRO C 145 3.03 14.93 15.27
C PRO C 145 1.87 15.92 15.13
N ALA C 146 2.20 17.16 14.75
CA ALA C 146 1.20 18.20 14.59
C ALA C 146 0.09 17.75 13.65
N VAL C 147 0.48 17.15 12.52
CA VAL C 147 -0.49 16.67 11.53
C VAL C 147 -1.37 15.56 12.09
N LEU C 148 -0.78 14.68 12.88
CA LEU C 148 -1.52 13.57 13.47
C LEU C 148 -2.52 14.07 14.52
N ALA C 149 -2.08 15.03 15.32
CA ALA C 149 -2.92 15.60 16.37
C ALA C 149 -4.12 16.35 15.78
N GLU C 150 -3.88 17.10 14.70
CA GLU C 150 -4.92 17.87 14.04
C GLU C 150 -6.14 17.00 13.73
N ARG C 151 -5.90 15.78 13.24
CA ARG C 151 -6.99 14.88 12.92
C ARG C 151 -7.46 14.13 14.17
N ALA C 152 -6.51 13.79 15.04
CA ALA C 152 -6.81 13.07 16.28
C ALA C 152 -7.77 13.84 17.19
N VAL C 153 -7.39 15.07 17.52
CA VAL C 153 -8.22 15.92 18.38
C VAL C 153 -9.35 16.51 17.53
N LYS C 154 -10.22 15.64 17.04
CA LYS C 154 -11.35 16.07 16.22
C LYS C 154 -12.35 14.94 16.02
N THR C 155 -11.95 13.73 16.36
CA THR C 155 -12.83 12.57 16.20
C THR C 155 -12.82 11.65 17.42
N LYS C 156 -13.89 10.90 17.59
CA LYS C 156 -14.00 9.98 18.71
C LYS C 156 -13.80 8.53 18.27
N ARG C 157 -13.61 8.30 16.98
CA ARG C 157 -13.41 6.94 16.49
C ARG C 157 -12.09 6.40 17.00
N SER C 158 -11.97 5.07 17.03
CA SER C 158 -10.76 4.42 17.51
C SER C 158 -9.52 4.92 16.82
N VAL C 159 -8.39 4.88 17.52
CA VAL C 159 -7.13 5.32 16.98
C VAL C 159 -6.68 4.43 15.82
N LYS C 160 -7.08 3.15 15.86
CA LYS C 160 -6.73 2.24 14.77
C LYS C 160 -7.47 2.66 13.49
N ALA C 161 -8.74 3.05 13.64
CA ALA C 161 -9.53 3.47 12.50
C ALA C 161 -8.92 4.73 11.90
N LEU C 162 -8.35 5.58 12.75
CA LEU C 162 -7.72 6.82 12.30
C LEU C 162 -6.47 6.52 11.48
N LEU C 163 -5.66 5.58 11.94
CA LEU C 163 -4.43 5.21 11.26
C LEU C 163 -4.63 4.48 9.92
N LEU C 164 -5.76 3.80 9.78
CA LEU C 164 -6.07 3.07 8.56
C LEU C 164 -6.67 4.00 7.49
N ASP C 165 -6.99 5.23 7.89
CA ASP C 165 -7.57 6.23 6.99
C ASP C 165 -6.49 6.85 6.10
N GLN C 166 -6.46 6.47 4.83
CA GLN C 166 -5.45 6.96 3.91
C GLN C 166 -5.43 8.49 3.72
N THR C 167 -6.48 9.19 4.17
CA THR C 167 -6.50 10.65 4.03
C THR C 167 -5.72 11.31 5.16
N VAL C 168 -5.54 10.58 6.26
CA VAL C 168 -4.79 11.08 7.42
C VAL C 168 -3.30 11.00 7.11
N VAL C 169 -2.86 9.80 6.75
CA VAL C 169 -1.48 9.52 6.39
C VAL C 169 -1.58 8.36 5.40
N ALA C 170 -0.70 8.33 4.41
CA ALA C 170 -0.78 7.27 3.39
C ALA C 170 0.22 6.12 3.51
N GLY C 171 -0.30 4.88 3.47
CA GLY C 171 0.59 3.74 3.50
C GLY C 171 0.43 2.64 4.55
N PHE C 172 -0.25 2.93 5.66
CA PHE C 172 -0.43 1.92 6.70
C PHE C 172 -1.64 1.01 6.52
N GLY C 173 -1.41 -0.28 6.77
CA GLY C 173 -2.46 -1.29 6.67
C GLY C 173 -2.60 -2.01 8.00
N ASN C 174 -3.28 -3.15 8.00
CA ASN C 174 -3.52 -3.91 9.22
C ASN C 174 -2.25 -4.35 9.99
N ILE C 175 -1.24 -4.81 9.29
CA ILE C 175 -0.02 -5.25 9.98
C ILE C 175 0.74 -4.11 10.64
N TYR C 176 1.10 -3.09 9.87
CA TYR C 176 1.88 -2.00 10.42
C TYR C 176 1.14 -1.07 11.40
N VAL C 177 -0.18 -1.08 11.37
CA VAL C 177 -0.94 -0.26 12.32
C VAL C 177 -0.88 -1.00 13.67
N ASP C 178 -1.11 -2.31 13.65
CA ASP C 178 -1.07 -3.08 14.89
C ASP C 178 0.35 -3.06 15.50
N GLU C 179 1.37 -3.16 14.66
CA GLU C 179 2.75 -3.16 15.15
C GLU C 179 3.16 -1.80 15.71
N SER C 180 2.73 -0.73 15.05
CA SER C 180 3.07 0.62 15.51
C SER C 180 2.41 0.93 16.86
N LEU C 181 1.16 0.53 17.00
CA LEU C 181 0.43 0.78 18.25
C LEU C 181 1.05 0.01 19.42
N PHE C 182 1.53 -1.21 19.16
CA PHE C 182 2.15 -1.99 20.22
C PHE C 182 3.45 -1.33 20.67
N ARG C 183 4.25 -0.93 19.70
CA ARG C 183 5.53 -0.29 19.99
C ARG C 183 5.40 1.03 20.74
N ALA C 184 4.24 1.69 20.56
CA ALA C 184 3.99 2.96 21.23
C ALA C 184 3.25 2.78 22.55
N GLY C 185 2.84 1.55 22.84
CA GLY C 185 2.13 1.26 24.07
C GLY C 185 0.72 1.80 24.17
N ILE C 186 -0.02 1.77 23.07
CA ILE C 186 -1.39 2.28 23.02
C ILE C 186 -2.40 1.22 22.53
N LEU C 187 -3.51 1.05 23.25
CA LEU C 187 -4.53 0.09 22.85
C LEU C 187 -5.21 0.55 21.56
N PRO C 188 -5.41 -0.37 20.60
CA PRO C 188 -6.04 -0.06 19.32
C PRO C 188 -7.49 0.42 19.36
N GLY C 189 -8.22 0.05 20.41
CA GLY C 189 -9.61 0.44 20.50
C GLY C 189 -9.96 1.75 21.19
N ARG C 190 -8.96 2.47 21.69
CA ARG C 190 -9.28 3.73 22.37
C ARG C 190 -9.53 4.90 21.44
N PRO C 191 -10.43 5.81 21.85
CA PRO C 191 -10.80 7.00 21.06
C PRO C 191 -9.56 7.83 20.74
N ALA C 192 -9.43 8.23 19.48
CA ALA C 192 -8.29 9.03 19.05
C ALA C 192 -8.18 10.34 19.84
N ALA C 193 -9.32 10.86 20.26
CA ALA C 193 -9.34 12.12 21.01
C ALA C 193 -8.90 11.96 22.47
N SER C 194 -8.71 10.72 22.92
CA SER C 194 -8.30 10.47 24.30
C SER C 194 -6.78 10.47 24.46
N LEU C 195 -6.06 10.43 23.35
CA LEU C 195 -4.60 10.42 23.38
C LEU C 195 -4.02 11.75 23.83
N SER C 196 -3.03 11.68 24.71
CA SER C 196 -2.37 12.87 25.21
C SER C 196 -1.34 13.34 24.19
N SER C 197 -0.79 14.53 24.40
CA SER C 197 0.22 15.07 23.49
C SER C 197 1.47 14.21 23.50
N LYS C 198 1.79 13.63 24.65
CA LYS C 198 2.97 12.77 24.78
C LYS C 198 2.73 11.48 24.00
N GLU C 199 1.52 10.94 24.10
CA GLU C 199 1.18 9.71 23.39
C GLU C 199 1.22 9.91 21.87
N ILE C 200 0.83 11.09 21.43
CA ILE C 200 0.83 11.39 20.00
C ILE C 200 2.25 11.45 19.45
N GLU C 201 3.15 12.11 20.18
CA GLU C 201 4.55 12.22 19.75
C GLU C 201 5.20 10.84 19.70
N ARG C 202 4.87 9.99 20.66
CA ARG C 202 5.42 8.64 20.73
C ARG C 202 4.89 7.79 19.57
N LEU C 203 3.59 7.91 19.28
CA LEU C 203 2.97 7.16 18.20
C LEU C 203 3.59 7.55 16.87
N HIS C 204 3.76 8.85 16.66
CA HIS C 204 4.37 9.35 15.42
C HIS C 204 5.76 8.74 15.27
N GLU C 205 6.54 8.83 16.34
CA GLU C 205 7.91 8.30 16.32
C GLU C 205 7.99 6.81 15.98
N GLU C 206 7.10 6.01 16.57
CA GLU C 206 7.09 4.57 16.30
C GLU C 206 6.57 4.23 14.91
N MET C 207 5.63 5.02 14.41
CA MET C 207 5.08 4.78 13.07
C MET C 207 6.20 4.95 12.05
N VAL C 208 6.95 6.04 12.17
CA VAL C 208 8.06 6.32 11.26
C VAL C 208 9.15 5.27 11.34
N ALA C 209 9.48 4.84 12.56
CA ALA C 209 10.53 3.84 12.77
C ALA C 209 10.14 2.47 12.23
N THR C 210 8.90 2.07 12.49
CA THR C 210 8.40 0.78 12.03
C THR C 210 8.38 0.67 10.51
N ILE C 211 7.78 1.67 9.87
CA ILE C 211 7.67 1.66 8.41
C ILE C 211 9.06 1.76 7.76
N GLY C 212 9.93 2.57 8.36
CA GLY C 212 11.28 2.73 7.84
C GLY C 212 12.07 1.44 7.90
N GLU C 213 12.00 0.75 9.05
CA GLU C 213 12.71 -0.52 9.24
C GLU C 213 12.16 -1.60 8.31
N ALA C 214 10.85 -1.62 8.13
CA ALA C 214 10.20 -2.59 7.26
C ALA C 214 10.71 -2.46 5.82
N VAL C 215 10.84 -1.23 5.34
CA VAL C 215 11.33 -0.99 3.99
C VAL C 215 12.74 -1.57 3.82
N MET C 216 13.61 -1.31 4.81
CA MET C 216 14.98 -1.80 4.77
C MET C 216 15.06 -3.33 4.74
N LYS C 217 14.06 -3.99 5.31
CA LYS C 217 14.04 -5.46 5.36
C LYS C 217 13.29 -6.10 4.19
N GLY C 218 12.83 -5.29 3.24
CA GLY C 218 12.10 -5.81 2.10
C GLY C 218 10.67 -6.23 2.38
N GLY C 219 10.09 -5.70 3.45
CA GLY C 219 8.71 -6.04 3.79
C GLY C 219 8.54 -7.34 4.55
N SER C 220 7.28 -7.71 4.80
CA SER C 220 6.96 -8.94 5.50
C SER C 220 6.41 -9.98 4.53
N PHE C 235 10.80 -9.10 7.36
CA PHE C 235 10.43 -8.34 8.55
C PHE C 235 9.44 -9.11 9.42
N GLN C 236 8.93 -10.23 8.90
CA GLN C 236 7.99 -11.04 9.66
C GLN C 236 8.62 -11.58 10.94
N HIS C 237 9.94 -11.78 10.90
CA HIS C 237 10.66 -12.29 12.06
C HIS C 237 10.78 -11.19 13.11
N HIS C 238 10.31 -10.01 12.77
CA HIS C 238 10.39 -8.88 13.68
C HIS C 238 9.02 -8.37 14.14
N LEU C 239 8.00 -9.21 13.99
CA LEU C 239 6.65 -8.85 14.39
C LEU C 239 6.42 -9.13 15.88
N TYR C 240 5.80 -8.18 16.57
CA TYR C 240 5.53 -8.31 18.00
C TYR C 240 4.13 -8.87 18.29
N VAL C 241 3.15 -8.51 17.46
CA VAL C 241 1.78 -8.95 17.69
C VAL C 241 0.98 -9.52 16.52
N TYR C 242 1.16 -8.99 15.31
CA TYR C 242 0.38 -9.50 14.17
C TYR C 242 0.53 -10.99 13.95
N GLY C 243 -0.60 -11.69 14.00
CA GLY C 243 -0.61 -13.13 13.80
C GLY C 243 -0.03 -13.96 14.93
N ARG C 244 0.24 -13.33 16.08
CA ARG C 244 0.82 -14.05 17.20
C ARG C 244 -0.15 -14.34 18.35
N GLN C 245 -1.45 -14.27 18.08
CA GLN C 245 -2.44 -14.53 19.12
C GLN C 245 -2.21 -15.88 19.80
N GLY C 246 -2.26 -15.88 21.12
CA GLY C 246 -2.05 -17.12 21.86
C GLY C 246 -0.61 -17.36 22.25
N ASN C 247 0.32 -16.65 21.62
CA ASN C 247 1.74 -16.74 21.87
C ASN C 247 2.17 -15.71 22.90
N PRO C 248 3.24 -15.98 23.67
CA PRO C 248 3.71 -14.99 24.65
C PRO C 248 4.32 -13.72 24.06
N CYS C 249 4.04 -12.58 24.70
CA CYS C 249 4.58 -11.29 24.27
C CYS C 249 6.11 -11.36 24.37
N LYS C 250 6.79 -10.85 23.35
CA LYS C 250 8.25 -10.86 23.34
C LYS C 250 8.86 -9.94 24.40
N ARG C 251 8.06 -9.04 24.95
CA ARG C 251 8.57 -8.11 25.96
C ARG C 251 8.16 -8.42 27.39
N CYS C 252 6.96 -8.93 27.60
CA CYS C 252 6.51 -9.23 28.97
C CYS C 252 6.03 -10.67 29.20
N GLY C 253 5.88 -11.44 28.13
CA GLY C 253 5.44 -12.82 28.27
C GLY C 253 3.93 -13.06 28.38
N THR C 254 3.15 -11.99 28.45
CA THR C 254 1.68 -12.11 28.53
C THR C 254 1.17 -12.60 27.17
N PRO C 255 0.17 -13.51 27.14
CA PRO C 255 -0.36 -14.01 25.87
C PRO C 255 -0.98 -12.89 25.01
N ILE C 256 -0.62 -12.87 23.73
CA ILE C 256 -1.15 -11.87 22.80
C ILE C 256 -2.61 -12.22 22.52
N GLU C 257 -3.46 -11.20 22.41
CA GLU C 257 -4.89 -11.44 22.16
C GLU C 257 -5.34 -10.88 20.82
N LYS C 258 -6.47 -11.38 20.33
CA LYS C 258 -7.02 -10.94 19.05
C LYS C 258 -8.53 -10.67 19.15
N THR C 259 -8.94 -9.51 18.65
CA THR C 259 -10.35 -9.12 18.65
C THR C 259 -10.68 -8.44 17.32
N VAL C 260 -11.79 -7.70 17.27
CA VAL C 260 -12.19 -7.00 16.06
C VAL C 260 -12.35 -5.50 16.35
N VAL C 261 -11.57 -4.68 15.65
CA VAL C 261 -11.63 -3.23 15.80
C VAL C 261 -11.63 -2.60 14.40
N ALA C 262 -12.51 -1.63 14.20
CA ALA C 262 -12.62 -0.96 12.91
C ALA C 262 -12.97 -1.97 11.82
N GLY C 263 -13.69 -3.02 12.22
CA GLY C 263 -14.11 -4.04 11.30
C GLY C 263 -13.04 -5.01 10.80
N ARG C 264 -11.94 -5.13 11.54
CA ARG C 264 -10.88 -6.04 11.11
C ARG C 264 -10.12 -6.70 12.26
N GLY C 265 -9.44 -7.80 11.94
CA GLY C 265 -8.67 -8.53 12.93
C GLY C 265 -7.65 -7.61 13.59
N THR C 266 -7.61 -7.61 14.92
CA THR C 266 -6.72 -6.73 15.66
C THR C 266 -5.94 -7.50 16.73
N HIS C 267 -4.61 -7.32 16.73
CA HIS C 267 -3.72 -8.02 17.66
C HIS C 267 -3.04 -7.05 18.65
N TYR C 268 -2.98 -7.43 19.93
CA TYR C 268 -2.37 -6.55 20.94
C TYR C 268 -2.00 -7.28 22.23
N CYS C 269 -1.15 -6.63 23.04
CA CYS C 269 -0.76 -7.19 24.35
C CYS C 269 -1.51 -6.36 25.39
N PRO C 270 -2.34 -7.01 26.23
CA PRO C 270 -3.11 -6.29 27.25
C PRO C 270 -2.29 -5.67 28.37
N ARG C 271 -1.00 -6.03 28.49
CA ARG C 271 -0.16 -5.45 29.54
C ARG C 271 0.68 -4.30 29.03
N CYS C 272 1.32 -4.47 27.87
CA CYS C 272 2.17 -3.42 27.31
C CYS C 272 1.40 -2.23 26.71
N GLN C 273 0.17 -2.46 26.26
CA GLN C 273 -0.63 -1.40 25.67
C GLN C 273 -1.75 -0.95 26.61
N ARG C 274 -1.90 0.36 26.75
CA ARG C 274 -2.92 0.93 27.62
C ARG C 274 -3.71 2.03 26.93
ZN ZN D . 3.58 -7.35 26.60
#